data_2OC0
#
_entry.id   2OC0
#
_cell.length_a   224.264
_cell.length_b   224.264
_cell.length_c   75.451
_cell.angle_alpha   90.00
_cell.angle_beta   90.00
_cell.angle_gamma   120.00
#
_symmetry.space_group_name_H-M   'H 3 2'
#
loop_
_entity.id
_entity.type
_entity.pdbx_description
1 polymer 'Hepatitis C Virus'
2 polymer 'Hepatitis C virus'
3 non-polymer 'ZINC ION'
4 non-polymer BETA-MERCAPTOETHANOL
5 non-polymer 'TERT-BUTYL {(1S)-2-[(1R,2S,5S)-2-({[(1S)-3-AMINO-1-(CYCLOBUTYLMETHYL)-2,3-DIOXOPROPYL]AMINO}CARBONYL)-6,6-DIMETHYL-3-AZABICYCLO[3.1.0]HEX-3-YL]-1-CYCLOHEXYL-2-OXOETHYL}CARBAMATE'
6 water water
#
loop_
_entity_poly.entity_id
_entity_poly.type
_entity_poly.pdbx_seq_one_letter_code
_entity_poly.pdbx_strand_id
1 'polypeptide(L)'
;MASMTGGQQMGAPITAYAQQTRGLLGCIITSLTGRDKNQVEGEVQIVSTATQTFLATCINGVCWTVYHGAGTRTIASPKG
PVIQMYTNVDQDLVGWPAPQGSRSLTPCTCGSSDLYLVTRHADVIPVRRRGDSRGSLLSPRPISYLKGSSGGPLLCPAGH
AVGLFRAAVCTRGVAKAVDFIPVENLETTMRSGSHHHHHH
;
A,C
2 'polypeptide(L)' KKGSVVIVGRIVLSGKPAIIPKK B,D
#
loop_
_chem_comp.id
_chem_comp.type
_chem_comp.name
_chem_comp.formula
BME non-polymer BETA-MERCAPTOETHANOL 'C2 H6 O S'
HU1 non-polymer 'TERT-BUTYL {(1S)-2-[(1R,2S,5S)-2-({[(1S)-3-AMINO-1-(CYCLOBUTYLMETHYL)-2,3-DIOXOPROPYL]AMINO}CARBONYL)-6,6-DIMETHYL-3-AZABICYCLO[3.1.0]HEX-3-YL]-1-CYCLOHEXYL-2-OXOETHYL}CARBAMATE' 'C29 H46 N4 O6'
ZN non-polymer 'ZINC ION' 'Zn 2'
#
# COMPACT_ATOMS: atom_id res chain seq x y z
N ALA A 12 1.45 -5.51 11.25
CA ALA A 12 1.96 -5.04 9.93
C ALA A 12 0.84 -4.89 8.92
N PRO A 13 0.60 -3.65 8.45
CA PRO A 13 -0.45 -3.37 7.46
C PRO A 13 0.11 -3.58 6.04
N ILE A 14 -0.77 -3.71 5.06
CA ILE A 14 -0.34 -3.90 3.67
C ILE A 14 -0.02 -2.55 3.03
N THR A 15 1.26 -2.37 2.68
CA THR A 15 1.72 -1.16 2.03
C THR A 15 2.45 -1.67 0.79
N ALA A 16 2.57 -0.86 -0.24
CA ALA A 16 3.23 -1.32 -1.46
C ALA A 16 3.81 -0.16 -2.21
N TYR A 17 4.85 -0.41 -3.01
CA TYR A 17 5.38 0.67 -3.83
C TYR A 17 5.77 0.15 -5.19
N ALA A 18 5.67 1.01 -6.20
CA ALA A 18 6.01 0.64 -7.55
C ALA A 18 7.28 1.33 -8.02
N GLN A 19 8.01 0.69 -8.92
CA GLN A 19 9.23 1.23 -9.50
C GLN A 19 9.28 0.81 -10.97
N GLN A 20 9.36 1.78 -11.87
CA GLN A 20 9.45 1.46 -13.29
C GLN A 20 10.90 1.08 -13.56
N THR A 21 11.12 -0.06 -14.18
CA THR A 21 12.49 -0.50 -14.46
C THR A 21 12.85 -0.40 -15.92
N ARG A 22 11.89 -0.06 -16.77
CA ARG A 22 12.18 -0.03 -18.18
C ARG A 22 11.21 0.79 -19.02
N GLY A 23 11.75 1.41 -20.06
CA GLY A 23 10.95 2.25 -20.94
C GLY A 23 10.40 1.57 -22.16
N LEU A 24 9.58 2.33 -22.90
CA LEU A 24 8.92 1.86 -24.10
C LEU A 24 9.84 1.23 -25.14
N LEU A 25 10.87 1.96 -25.53
CA LEU A 25 11.80 1.45 -26.53
C LEU A 25 12.67 0.29 -26.03
N GLY A 26 13.03 0.30 -24.75
CA GLY A 26 13.83 -0.79 -24.21
C GLY A 26 12.99 -2.04 -24.04
N CYS A 27 11.70 -1.81 -23.83
CA CYS A 27 10.73 -2.88 -23.63
C CYS A 27 10.60 -3.65 -24.95
N ILE A 28 10.42 -2.91 -26.05
CA ILE A 28 10.29 -3.50 -27.38
C ILE A 28 11.51 -4.33 -27.75
N ILE A 29 12.70 -3.75 -27.65
CA ILE A 29 13.92 -4.48 -28.00
C ILE A 29 14.01 -5.77 -27.20
N THR A 30 13.71 -5.66 -25.91
CA THR A 30 13.75 -6.80 -25.00
C THR A 30 12.69 -7.84 -25.39
N SER A 31 11.57 -7.36 -25.89
CA SER A 31 10.49 -8.24 -26.32
C SER A 31 10.97 -9.10 -27.48
N LEU A 32 11.66 -8.48 -28.44
CA LEU A 32 12.18 -9.19 -29.61
C LEU A 32 13.34 -10.10 -29.29
N THR A 33 14.31 -9.60 -28.53
CA THR A 33 15.48 -10.39 -28.20
C THR A 33 15.15 -11.49 -27.20
N GLY A 34 14.24 -11.17 -26.28
CA GLY A 34 13.86 -12.12 -25.24
C GLY A 34 14.91 -12.23 -24.16
N ARG A 35 15.90 -11.35 -24.20
CA ARG A 35 16.97 -11.35 -23.20
C ARG A 35 16.87 -10.12 -22.31
N ASP A 36 16.48 -10.33 -21.06
CA ASP A 36 16.35 -9.23 -20.12
C ASP A 36 17.41 -9.36 -19.05
N LYS A 37 18.33 -8.41 -19.04
CA LYS A 37 19.42 -8.44 -18.07
C LYS A 37 19.14 -7.67 -16.79
N ASN A 38 18.01 -6.95 -16.73
CA ASN A 38 17.66 -6.17 -15.54
C ASN A 38 17.49 -7.02 -14.30
N GLN A 39 17.83 -6.45 -13.15
CA GLN A 39 17.71 -7.15 -11.87
C GLN A 39 16.25 -7.14 -11.41
N VAL A 40 15.83 -8.28 -10.90
CA VAL A 40 14.46 -8.44 -10.43
C VAL A 40 14.38 -8.37 -8.91
N GLU A 41 13.35 -7.69 -8.43
CA GLU A 41 13.07 -7.55 -7.01
C GLU A 41 11.56 -7.51 -6.90
N GLY A 42 11.00 -7.96 -5.78
CA GLY A 42 9.56 -7.87 -5.62
C GLY A 42 8.72 -9.11 -5.79
N GLU A 43 7.47 -9.00 -5.34
CA GLU A 43 6.51 -10.09 -5.39
C GLU A 43 5.61 -9.99 -6.62
N VAL A 44 5.38 -8.77 -7.09
CA VAL A 44 4.53 -8.53 -8.25
C VAL A 44 5.34 -7.81 -9.34
N GLN A 45 5.33 -8.35 -10.55
CA GLN A 45 6.05 -7.73 -11.66
C GLN A 45 5.07 -7.02 -12.58
N ILE A 46 5.43 -5.81 -13.00
CA ILE A 46 4.61 -5.03 -13.93
C ILE A 46 5.08 -5.56 -15.29
N VAL A 47 4.15 -6.05 -16.07
CA VAL A 47 4.53 -6.72 -17.30
C VAL A 47 3.90 -6.16 -18.57
N SER A 48 4.60 -6.32 -19.70
CA SER A 48 4.11 -5.80 -20.97
C SER A 48 4.38 -6.62 -22.21
N THR A 49 3.49 -6.42 -23.17
CA THR A 49 3.57 -7.05 -24.49
C THR A 49 3.36 -5.82 -25.39
N ALA A 50 3.67 -5.94 -26.68
CA ALA A 50 3.50 -4.82 -27.59
C ALA A 50 2.03 -4.39 -27.63
N THR A 51 1.18 -5.29 -27.16
CA THR A 51 -0.25 -5.10 -27.11
C THR A 51 -0.75 -4.45 -25.83
N GLN A 52 -0.36 -4.99 -24.68
CA GLN A 52 -0.83 -4.43 -23.42
C GLN A 52 0.08 -4.59 -22.21
N THR A 53 -0.30 -3.94 -21.13
CA THR A 53 0.46 -4.01 -19.88
C THR A 53 -0.48 -4.40 -18.74
N PHE A 54 -0.01 -5.30 -17.90
CA PHE A 54 -0.76 -5.82 -16.78
C PHE A 54 0.22 -6.27 -15.69
N LEU A 55 -0.20 -7.17 -14.81
CA LEU A 55 0.65 -7.65 -13.73
C LEU A 55 0.82 -9.15 -13.68
N ALA A 56 1.88 -9.59 -13.00
CA ALA A 56 2.20 -11.01 -12.84
C ALA A 56 2.61 -11.15 -11.40
N THR A 57 2.03 -12.11 -10.69
CA THR A 57 2.30 -12.30 -9.27
C THR A 57 3.07 -13.57 -8.99
N CYS A 58 4.11 -13.46 -8.19
CA CYS A 58 4.89 -14.63 -7.84
C CYS A 58 4.30 -15.27 -6.59
N ILE A 59 3.84 -16.50 -6.72
CA ILE A 59 3.30 -17.23 -5.59
C ILE A 59 4.02 -18.58 -5.59
N ASN A 60 4.61 -18.92 -4.45
CA ASN A 60 5.33 -20.18 -4.28
C ASN A 60 6.31 -20.58 -5.40
N GLY A 61 7.21 -19.67 -5.73
CA GLY A 61 8.19 -19.92 -6.77
C GLY A 61 7.73 -19.87 -8.21
N VAL A 62 6.46 -19.53 -8.43
CA VAL A 62 5.92 -19.46 -9.78
C VAL A 62 5.36 -18.07 -10.03
N CYS A 63 5.68 -17.49 -11.18
CA CYS A 63 5.20 -16.17 -11.59
C CYS A 63 3.96 -16.39 -12.46
N TRP A 64 2.80 -16.06 -11.89
CA TRP A 64 1.51 -16.24 -12.52
C TRP A 64 0.90 -14.98 -13.11
N THR A 65 0.13 -15.14 -14.17
CA THR A 65 -0.57 -14.01 -14.75
C THR A 65 -1.80 -14.49 -15.50
N VAL A 66 -2.53 -13.56 -16.11
CA VAL A 66 -3.73 -13.90 -16.87
C VAL A 66 -3.42 -14.34 -18.30
N TYR A 67 -4.06 -15.43 -18.71
CA TYR A 67 -3.86 -15.94 -20.07
C TYR A 67 -4.33 -14.91 -21.08
N HIS A 68 -5.38 -14.16 -20.75
CA HIS A 68 -5.88 -13.14 -21.65
C HIS A 68 -4.92 -11.98 -21.84
N GLY A 69 -3.81 -12.02 -21.12
CA GLY A 69 -2.82 -10.97 -21.23
C GLY A 69 -1.55 -11.50 -21.86
N ALA A 70 -0.99 -12.55 -21.26
CA ALA A 70 0.25 -13.15 -21.73
C ALA A 70 0.05 -14.08 -22.91
N GLY A 71 -1.18 -14.58 -23.06
CA GLY A 71 -1.46 -15.51 -24.12
C GLY A 71 -0.56 -16.71 -23.90
N THR A 72 0.14 -17.12 -24.94
CA THR A 72 1.00 -18.26 -24.80
C THR A 72 2.51 -17.91 -24.88
N ARG A 73 2.81 -16.60 -24.82
CA ARG A 73 4.17 -16.06 -24.90
C ARG A 73 5.19 -16.52 -23.87
N THR A 74 6.46 -16.35 -24.21
CA THR A 74 7.57 -16.66 -23.33
C THR A 74 7.83 -15.38 -22.53
N ILE A 75 8.56 -15.49 -21.43
CA ILE A 75 8.87 -14.29 -20.66
C ILE A 75 10.36 -14.06 -20.88
N ALA A 76 10.72 -12.81 -21.14
CA ALA A 76 12.11 -12.44 -21.37
C ALA A 76 12.89 -12.57 -20.08
N SER A 77 14.07 -13.20 -20.15
CA SER A 77 14.89 -13.37 -18.98
C SER A 77 16.35 -13.13 -19.33
N PRO A 78 17.25 -13.14 -18.33
CA PRO A 78 18.67 -12.92 -18.63
C PRO A 78 19.34 -14.02 -19.44
N LYS A 79 18.67 -15.15 -19.59
CA LYS A 79 19.19 -16.27 -20.36
C LYS A 79 18.40 -16.50 -21.65
N GLY A 80 17.61 -15.50 -22.03
CA GLY A 80 16.81 -15.62 -23.23
C GLY A 80 15.36 -15.86 -22.83
N PRO A 81 14.47 -16.19 -23.79
CA PRO A 81 13.07 -16.43 -23.48
C PRO A 81 12.88 -17.68 -22.63
N VAL A 82 11.85 -17.64 -21.78
CA VAL A 82 11.53 -18.75 -20.91
C VAL A 82 10.09 -19.18 -21.19
N ILE A 83 9.94 -20.46 -21.53
CA ILE A 83 8.65 -21.05 -21.83
C ILE A 83 7.81 -21.11 -20.56
N GLN A 84 6.49 -21.04 -20.72
CA GLN A 84 5.60 -21.13 -19.58
C GLN A 84 5.63 -22.53 -19.02
N MET A 85 5.47 -22.62 -17.70
CA MET A 85 5.44 -23.89 -16.99
C MET A 85 4.01 -24.42 -16.98
N TYR A 86 3.06 -23.49 -16.87
CA TYR A 86 1.66 -23.82 -16.80
C TYR A 86 0.91 -22.89 -17.72
N THR A 87 -0.14 -23.42 -18.31
CA THR A 87 -0.99 -22.67 -19.23
C THR A 87 -2.34 -23.30 -19.09
N ASN A 88 -3.36 -22.50 -18.82
CA ASN A 88 -4.68 -23.04 -18.70
C ASN A 88 -5.64 -22.03 -19.25
N VAL A 89 -5.92 -22.19 -20.53
CA VAL A 89 -6.81 -21.29 -21.23
C VAL A 89 -8.14 -21.19 -20.51
N ASP A 90 -8.59 -22.29 -19.91
CA ASP A 90 -9.87 -22.30 -19.21
C ASP A 90 -9.83 -21.59 -17.87
N GLN A 91 -8.80 -21.84 -17.07
CA GLN A 91 -8.66 -21.16 -15.79
C GLN A 91 -8.20 -19.72 -16.02
N ASP A 92 -7.80 -19.44 -17.25
CA ASP A 92 -7.32 -18.12 -17.68
C ASP A 92 -6.01 -17.79 -16.96
N LEU A 93 -5.16 -18.79 -16.81
CA LEU A 93 -3.89 -18.64 -16.14
C LEU A 93 -2.71 -19.14 -16.95
N VAL A 94 -1.55 -18.56 -16.69
CA VAL A 94 -0.29 -18.99 -17.31
C VAL A 94 0.72 -18.74 -16.20
N GLY A 95 1.81 -19.50 -16.18
CA GLY A 95 2.81 -19.30 -15.15
C GLY A 95 4.17 -19.69 -15.67
N TRP A 96 5.19 -18.92 -15.29
CA TRP A 96 6.57 -19.20 -15.71
C TRP A 96 7.33 -19.34 -14.39
N PRO A 97 8.56 -19.87 -14.43
CA PRO A 97 9.27 -19.98 -13.16
C PRO A 97 9.49 -18.55 -12.67
N ALA A 98 9.36 -18.30 -11.37
CA ALA A 98 9.56 -16.95 -10.86
C ALA A 98 10.96 -16.47 -11.18
N PRO A 99 11.09 -15.24 -11.66
CA PRO A 99 12.40 -14.68 -12.01
C PRO A 99 13.35 -14.75 -10.82
N GLN A 100 14.63 -14.89 -11.10
CA GLN A 100 15.61 -14.93 -10.04
C GLN A 100 15.63 -13.50 -9.50
N GLY A 101 15.46 -13.37 -8.19
CA GLY A 101 15.46 -12.04 -7.59
C GLY A 101 14.12 -11.67 -7.00
N SER A 102 13.05 -12.22 -7.57
CA SER A 102 11.71 -11.94 -7.09
C SER A 102 11.48 -12.65 -5.75
N ARG A 103 10.37 -12.32 -5.09
CA ARG A 103 9.97 -12.92 -3.83
C ARG A 103 8.54 -13.40 -4.02
N SER A 104 8.26 -14.60 -3.54
CA SER A 104 6.95 -15.17 -3.69
C SER A 104 6.04 -14.92 -2.50
N LEU A 105 4.74 -14.89 -2.78
CA LEU A 105 3.72 -14.74 -1.76
C LEU A 105 3.36 -16.20 -1.51
N THR A 106 2.63 -16.45 -0.43
CA THR A 106 2.18 -17.79 -0.13
C THR A 106 0.66 -17.72 -0.07
N PRO A 107 -0.01 -18.79 -0.51
CA PRO A 107 -1.47 -18.87 -0.52
C PRO A 107 -2.05 -18.64 0.88
N CYS A 108 -3.26 -18.10 0.90
CA CYS A 108 -3.96 -17.84 2.14
C CYS A 108 -4.48 -19.15 2.70
N THR A 109 -4.52 -19.24 4.02
CA THR A 109 -5.01 -20.43 4.70
C THR A 109 -6.05 -20.06 5.76
N CYS A 110 -6.02 -18.80 6.20
CA CYS A 110 -6.92 -18.27 7.22
C CYS A 110 -8.38 -18.15 6.79
N GLY A 111 -8.66 -18.37 5.50
CA GLY A 111 -10.03 -18.26 5.02
C GLY A 111 -10.75 -16.94 5.28
N SER A 112 -10.03 -15.83 5.22
CA SER A 112 -10.62 -14.52 5.44
C SER A 112 -11.47 -14.09 4.24
N SER A 113 -12.48 -13.27 4.50
CA SER A 113 -13.36 -12.76 3.45
C SER A 113 -13.16 -11.27 3.19
N ASP A 114 -12.19 -10.69 3.89
CA ASP A 114 -11.84 -9.28 3.74
C ASP A 114 -10.53 -9.33 2.97
N LEU A 115 -10.58 -8.94 1.70
CA LEU A 115 -9.42 -8.97 0.83
C LEU A 115 -8.97 -7.56 0.45
N TYR A 116 -7.74 -7.47 -0.05
CA TYR A 116 -7.17 -6.20 -0.46
C TYR A 116 -6.47 -6.43 -1.78
N LEU A 117 -6.95 -5.74 -2.82
CA LEU A 117 -6.41 -5.81 -4.18
C LEU A 117 -5.28 -4.81 -4.33
N VAL A 118 -4.13 -5.28 -4.83
CA VAL A 118 -2.98 -4.42 -5.04
C VAL A 118 -3.01 -4.08 -6.52
N THR A 119 -3.14 -2.79 -6.83
CA THR A 119 -3.19 -2.30 -8.21
C THR A 119 -1.78 -2.05 -8.75
N ARG A 120 -1.68 -1.86 -10.07
CA ARG A 120 -0.40 -1.61 -10.74
C ARG A 120 0.21 -0.29 -10.29
N HIS A 121 -0.59 0.54 -9.63
CA HIS A 121 -0.12 1.82 -9.12
C HIS A 121 0.34 1.66 -7.68
N ALA A 122 0.37 0.40 -7.23
CA ALA A 122 0.77 0.06 -5.87
C ALA A 122 -0.18 0.63 -4.82
N ASP A 123 -1.46 0.64 -5.13
CA ASP A 123 -2.46 1.09 -4.17
C ASP A 123 -3.11 -0.19 -3.73
N VAL A 124 -3.53 -0.26 -2.47
CA VAL A 124 -4.20 -1.45 -2.00
C VAL A 124 -5.62 -1.04 -1.63
N ILE A 125 -6.59 -1.63 -2.30
CA ILE A 125 -7.98 -1.29 -2.09
C ILE A 125 -8.78 -2.45 -1.51
N PRO A 126 -9.61 -2.17 -0.49
CA PRO A 126 -10.42 -3.22 0.14
C PRO A 126 -11.56 -3.75 -0.72
N VAL A 127 -11.75 -5.08 -0.69
CA VAL A 127 -12.82 -5.73 -1.44
C VAL A 127 -13.41 -6.79 -0.51
N ARG A 128 -14.73 -6.88 -0.47
CA ARG A 128 -15.39 -7.87 0.36
C ARG A 128 -15.70 -9.07 -0.50
N ARG A 129 -15.30 -10.26 -0.04
CA ARG A 129 -15.53 -11.48 -0.80
C ARG A 129 -17.01 -11.83 -0.80
N ARG A 130 -17.59 -11.95 -1.99
CA ARG A 130 -18.99 -12.28 -2.16
C ARG A 130 -19.18 -13.68 -2.74
N GLY A 131 -18.09 -14.40 -2.92
CA GLY A 131 -18.15 -15.74 -3.47
C GLY A 131 -16.75 -16.23 -3.80
N ASP A 132 -16.66 -17.38 -4.44
CA ASP A 132 -15.36 -17.94 -4.80
C ASP A 132 -14.49 -17.09 -5.73
N SER A 133 -15.13 -16.36 -6.64
CA SER A 133 -14.39 -15.56 -7.59
C SER A 133 -14.86 -14.11 -7.70
N ARG A 134 -15.59 -13.63 -6.69
CA ARG A 134 -16.09 -12.27 -6.73
C ARG A 134 -15.88 -11.57 -5.41
N GLY A 135 -15.84 -10.25 -5.48
CA GLY A 135 -15.65 -9.42 -4.30
C GLY A 135 -16.09 -8.03 -4.67
N SER A 136 -16.70 -7.32 -3.74
CA SER A 136 -17.15 -5.97 -4.03
C SER A 136 -16.21 -4.93 -3.44
N LEU A 137 -16.02 -3.85 -4.18
CA LEU A 137 -15.16 -2.75 -3.74
C LEU A 137 -15.89 -1.96 -2.66
N LEU A 138 -15.26 -1.83 -1.49
CA LEU A 138 -15.86 -1.06 -0.41
C LEU A 138 -16.02 0.36 -0.93
N SER A 139 -15.10 0.75 -1.79
CA SER A 139 -15.09 2.06 -2.41
C SER A 139 -14.87 1.89 -3.92
N PRO A 140 -15.95 1.95 -4.71
CA PRO A 140 -15.86 1.80 -6.16
C PRO A 140 -14.97 2.87 -6.78
N ARG A 141 -14.26 2.47 -7.82
CA ARG A 141 -13.35 3.37 -8.52
C ARG A 141 -13.67 3.26 -10.00
N PRO A 142 -13.31 4.28 -10.81
CA PRO A 142 -13.59 4.19 -12.24
C PRO A 142 -12.71 3.07 -12.80
N ILE A 143 -13.15 2.40 -13.87
CA ILE A 143 -12.37 1.30 -14.44
C ILE A 143 -11.00 1.69 -14.96
N SER A 144 -10.83 2.97 -15.29
CA SER A 144 -9.56 3.48 -15.79
C SER A 144 -8.49 3.28 -14.72
N TYR A 145 -8.93 3.32 -13.47
CA TYR A 145 -8.05 3.15 -12.34
C TYR A 145 -7.57 1.70 -12.21
N LEU A 146 -8.43 0.75 -12.53
CA LEU A 146 -8.09 -0.66 -12.46
C LEU A 146 -7.37 -1.15 -13.70
N LYS A 147 -7.35 -0.33 -14.74
CA LYS A 147 -6.69 -0.68 -15.99
C LYS A 147 -5.23 -1.04 -15.72
N GLY A 148 -4.79 -2.17 -16.26
CA GLY A 148 -3.42 -2.60 -16.06
C GLY A 148 -3.15 -3.45 -14.84
N SER A 149 -4.17 -3.70 -14.03
CA SER A 149 -3.97 -4.51 -12.83
C SER A 149 -4.27 -6.02 -12.92
N SER A 150 -4.70 -6.48 -14.10
CA SER A 150 -5.01 -7.89 -14.32
C SER A 150 -3.79 -8.72 -14.00
N GLY A 151 -3.95 -9.72 -13.15
CA GLY A 151 -2.83 -10.58 -12.76
C GLY A 151 -2.28 -10.18 -11.40
N GLY A 152 -2.73 -9.04 -10.89
CA GLY A 152 -2.27 -8.58 -9.59
C GLY A 152 -2.88 -9.41 -8.49
N PRO A 153 -2.33 -9.36 -7.26
CA PRO A 153 -2.85 -10.16 -6.16
C PRO A 153 -3.98 -9.59 -5.30
N LEU A 154 -4.80 -10.49 -4.78
CA LEU A 154 -5.87 -10.13 -3.85
C LEU A 154 -5.31 -10.80 -2.60
N LEU A 155 -4.99 -9.97 -1.60
CA LEU A 155 -4.39 -10.42 -0.36
C LEU A 155 -5.39 -10.44 0.81
N CYS A 156 -5.18 -11.39 1.73
CA CYS A 156 -6.01 -11.47 2.94
C CYS A 156 -5.30 -10.51 3.90
N PRO A 157 -5.92 -10.17 5.03
CA PRO A 157 -5.30 -9.24 5.98
C PRO A 157 -3.88 -9.56 6.44
N ALA A 158 -3.48 -10.82 6.29
CA ALA A 158 -2.14 -11.23 6.68
C ALA A 158 -1.14 -11.17 5.52
N GLY A 159 -1.63 -10.74 4.35
CA GLY A 159 -0.76 -10.61 3.18
C GLY A 159 -0.48 -11.88 2.39
N HIS A 160 -1.44 -12.79 2.39
CA HIS A 160 -1.27 -14.02 1.64
C HIS A 160 -2.18 -14.01 0.44
N ALA A 161 -1.73 -14.68 -0.62
CA ALA A 161 -2.50 -14.69 -1.86
C ALA A 161 -3.80 -15.45 -1.76
N VAL A 162 -4.89 -14.73 -1.99
CA VAL A 162 -6.22 -15.31 -2.00
C VAL A 162 -6.62 -15.53 -3.45
N GLY A 163 -6.22 -14.60 -4.31
CA GLY A 163 -6.54 -14.71 -5.71
C GLY A 163 -5.79 -13.69 -6.54
N LEU A 164 -6.01 -13.74 -7.86
CA LEU A 164 -5.39 -12.85 -8.85
C LEU A 164 -6.51 -12.09 -9.57
N PHE A 165 -6.39 -10.77 -9.67
CA PHE A 165 -7.37 -9.94 -10.36
C PHE A 165 -7.52 -10.36 -11.84
N ARG A 166 -8.77 -10.54 -12.28
CA ARG A 166 -9.02 -10.95 -13.65
C ARG A 166 -9.85 -9.96 -14.47
N ALA A 167 -10.98 -9.52 -13.92
CA ALA A 167 -11.86 -8.62 -14.64
C ALA A 167 -12.65 -7.72 -13.68
N ALA A 168 -13.10 -6.59 -14.21
CA ALA A 168 -13.86 -5.64 -13.42
C ALA A 168 -15.34 -5.81 -13.68
N VAL A 169 -16.14 -5.61 -12.63
CA VAL A 169 -17.59 -5.70 -12.71
C VAL A 169 -18.03 -4.23 -12.64
N CYS A 170 -18.20 -3.63 -13.81
CA CYS A 170 -18.58 -2.23 -13.89
C CYS A 170 -19.83 -1.91 -14.69
N THR A 171 -20.28 -0.67 -14.54
CA THR A 171 -21.43 -0.13 -15.23
C THR A 171 -21.22 1.37 -15.25
N ARG A 172 -21.55 2.01 -16.37
CA ARG A 172 -21.39 3.46 -16.53
C ARG A 172 -19.93 3.87 -16.39
N GLY A 173 -19.03 2.90 -16.48
CA GLY A 173 -17.62 3.20 -16.35
C GLY A 173 -17.07 3.13 -14.94
N VAL A 174 -17.87 2.63 -14.00
CA VAL A 174 -17.41 2.51 -12.62
C VAL A 174 -17.44 1.05 -12.18
N ALA A 175 -16.34 0.61 -11.57
CA ALA A 175 -16.23 -0.76 -11.11
C ALA A 175 -16.72 -0.86 -9.67
N LYS A 176 -17.71 -1.72 -9.45
CA LYS A 176 -18.26 -1.93 -8.10
C LYS A 176 -17.79 -3.24 -7.51
N ALA A 177 -17.41 -4.18 -8.37
CA ALA A 177 -16.92 -5.49 -7.94
C ALA A 177 -15.79 -5.94 -8.85
N VAL A 178 -15.09 -6.99 -8.43
CA VAL A 178 -14.00 -7.53 -9.22
C VAL A 178 -14.13 -9.03 -9.31
N ASP A 179 -13.77 -9.56 -10.46
CA ASP A 179 -13.81 -10.97 -10.71
C ASP A 179 -12.36 -11.43 -10.60
N PHE A 180 -12.11 -12.48 -9.84
CA PHE A 180 -10.76 -12.96 -9.68
C PHE A 180 -10.61 -14.47 -9.77
N ILE A 181 -9.37 -14.89 -9.99
CA ILE A 181 -9.04 -16.30 -10.08
C ILE A 181 -8.53 -16.74 -8.69
N PRO A 182 -9.36 -17.47 -7.92
CA PRO A 182 -8.93 -17.91 -6.60
C PRO A 182 -7.65 -18.74 -6.67
N VAL A 183 -6.82 -18.62 -5.64
CA VAL A 183 -5.54 -19.33 -5.59
C VAL A 183 -5.69 -20.85 -5.73
N GLU A 184 -6.93 -21.32 -5.60
CA GLU A 184 -7.23 -22.74 -5.71
C GLU A 184 -7.06 -23.23 -7.15
N ASN A 185 -7.45 -22.40 -8.11
CA ASN A 185 -7.32 -22.76 -9.52
C ASN A 185 -5.88 -22.91 -9.95
N LEU A 186 -4.97 -22.29 -9.20
CA LEU A 186 -3.54 -22.36 -9.48
C LEU A 186 -3.04 -23.78 -9.23
N GLU A 187 -3.38 -24.33 -8.07
CA GLU A 187 -2.98 -25.69 -7.72
C GLU A 187 -3.57 -26.69 -8.70
N THR A 188 -4.83 -26.46 -9.06
CA THR A 188 -5.53 -27.31 -10.01
C THR A 188 -4.83 -27.24 -11.36
N THR A 189 -4.39 -26.04 -11.73
CA THR A 189 -3.68 -25.85 -12.99
C THR A 189 -2.31 -26.52 -12.98
N MET A 190 -1.62 -26.47 -11.84
CA MET A 190 -0.31 -27.10 -11.75
C MET A 190 -0.46 -28.61 -11.77
N ARG A 191 -1.62 -29.06 -11.32
CA ARG A 191 -1.93 -30.47 -11.27
C ARG A 191 -2.37 -31.00 -12.64
N SER A 192 -2.68 -30.08 -13.56
CA SER A 192 -3.12 -30.44 -14.91
C SER A 192 -2.30 -29.78 -16.04
N LYS B 2 5.48 -14.88 -31.18
CA LYS B 2 5.27 -13.42 -30.94
C LYS B 2 6.40 -12.99 -30.02
N GLY B 3 6.39 -11.72 -29.62
CA GLY B 3 7.42 -11.24 -28.73
C GLY B 3 7.23 -11.80 -27.32
N SER B 4 8.27 -11.70 -26.51
CA SER B 4 8.20 -12.15 -25.13
C SER B 4 7.48 -11.12 -24.26
N VAL B 5 7.02 -11.58 -23.10
CA VAL B 5 6.38 -10.70 -22.13
C VAL B 5 7.59 -10.08 -21.46
N VAL B 6 7.58 -8.77 -21.27
CA VAL B 6 8.69 -8.05 -20.67
C VAL B 6 8.34 -7.37 -19.34
N ILE B 7 9.23 -7.50 -18.36
CA ILE B 7 9.04 -6.87 -17.05
C ILE B 7 9.46 -5.41 -17.22
N VAL B 8 8.52 -4.49 -17.00
CA VAL B 8 8.79 -3.07 -17.14
C VAL B 8 8.75 -2.33 -15.80
N GLY B 9 8.55 -3.06 -14.71
CA GLY B 9 8.46 -2.48 -13.40
C GLY B 9 8.20 -3.55 -12.37
N ARG B 10 8.00 -3.14 -11.12
CA ARG B 10 7.77 -4.07 -10.01
C ARG B 10 6.96 -3.35 -8.94
N ILE B 11 6.27 -4.15 -8.12
CA ILE B 11 5.51 -3.63 -7.01
C ILE B 11 6.02 -4.41 -5.80
N VAL B 12 6.54 -3.69 -4.81
CA VAL B 12 7.10 -4.32 -3.63
C VAL B 12 6.17 -4.18 -2.43
N LEU B 13 5.83 -5.34 -1.89
CA LEU B 13 4.93 -5.48 -0.74
C LEU B 13 5.69 -5.70 0.56
N SER B 14 6.93 -6.15 0.47
CA SER B 14 7.75 -6.44 1.64
C SER B 14 8.38 -5.25 2.35
N GLY B 15 8.16 -4.04 1.84
CA GLY B 15 8.75 -2.88 2.46
C GLY B 15 7.98 -2.47 3.69
N LYS B 16 8.68 -2.00 4.72
CA LYS B 16 8.08 -1.55 5.97
C LYS B 16 8.34 -0.06 6.13
N PRO B 17 7.53 0.66 6.94
CA PRO B 17 7.74 2.09 7.12
C PRO B 17 9.20 2.41 7.39
N ALA B 18 9.68 3.49 6.79
CA ALA B 18 11.07 3.87 6.96
C ALA B 18 11.23 5.37 6.95
N ILE B 19 12.21 5.85 7.71
CA ILE B 19 12.51 7.28 7.77
C ILE B 19 13.36 7.49 6.54
N ILE B 20 12.92 8.36 5.64
CA ILE B 20 13.64 8.62 4.41
C ILE B 20 15.02 9.20 4.70
N PRO B 21 16.07 8.48 4.30
CA PRO B 21 17.41 8.99 4.56
C PRO B 21 17.66 10.28 3.79
N LYS B 22 18.30 11.23 4.44
CA LYS B 22 18.60 12.49 3.80
C LYS B 22 19.95 12.37 3.09
N LYS B 23 19.99 12.89 1.87
CA LYS B 23 21.21 12.86 1.06
C LYS B 23 21.84 14.25 1.05
N VAL C 40 11.26 9.86 -3.78
CA VAL C 40 10.47 9.17 -2.72
C VAL C 40 9.84 10.25 -1.86
N GLU C 41 8.54 10.14 -1.65
CA GLU C 41 7.79 11.07 -0.84
C GLU C 41 7.21 10.37 0.39
N GLY C 42 7.15 11.10 1.50
CA GLY C 42 6.64 10.53 2.73
C GLY C 42 5.27 11.04 3.10
N GLU C 43 4.46 10.17 3.70
CA GLU C 43 3.12 10.53 4.14
C GLU C 43 3.19 11.12 5.55
N VAL C 44 4.24 10.76 6.29
CA VAL C 44 4.43 11.22 7.65
C VAL C 44 5.67 12.12 7.78
N GLN C 45 5.47 13.29 8.37
CA GLN C 45 6.57 14.23 8.59
C GLN C 45 6.92 14.24 10.07
N ILE C 46 8.21 14.19 10.36
CA ILE C 46 8.69 14.25 11.73
C ILE C 46 8.95 15.74 11.92
N VAL C 47 8.12 16.37 12.74
CA VAL C 47 8.21 17.81 12.95
C VAL C 47 8.52 18.21 14.40
N SER C 48 8.99 19.43 14.57
CA SER C 48 9.30 19.92 15.89
C SER C 48 9.23 21.43 16.06
N THR C 49 8.83 21.84 17.25
CA THR C 49 8.76 23.25 17.62
C THR C 49 9.98 23.44 18.50
N ALA C 50 10.06 24.58 19.18
CA ALA C 50 11.19 24.86 20.07
C ALA C 50 11.06 24.04 21.34
N THR C 51 9.80 23.75 21.69
CA THR C 51 9.49 22.99 22.89
C THR C 51 9.65 21.48 22.72
N GLN C 52 9.05 20.91 21.68
CA GLN C 52 9.13 19.46 21.50
C GLN C 52 9.06 18.96 20.05
N THR C 53 9.05 17.63 19.91
CA THR C 53 8.97 16.97 18.62
C THR C 53 7.78 16.05 18.61
N PHE C 54 7.18 15.91 17.46
CA PHE C 54 6.03 15.04 17.26
C PHE C 54 5.94 14.72 15.76
N LEU C 55 4.78 14.28 15.30
CA LEU C 55 4.60 13.90 13.91
C LEU C 55 3.41 14.61 13.31
N ALA C 56 3.32 14.54 11.98
CA ALA C 56 2.22 15.12 11.23
C ALA C 56 1.96 14.10 10.13
N THR C 57 0.71 13.98 9.70
CA THR C 57 0.35 13.02 8.67
C THR C 57 -0.42 13.73 7.57
N CYS C 58 -0.05 13.46 6.33
CA CYS C 58 -0.75 14.08 5.21
C CYS C 58 -1.89 13.19 4.77
N ILE C 59 -3.11 13.68 4.91
CA ILE C 59 -4.30 12.94 4.51
C ILE C 59 -5.16 13.88 3.69
N ASN C 60 -5.44 13.47 2.46
CA ASN C 60 -6.24 14.25 1.52
C ASN C 60 -5.70 15.65 1.24
N GLY C 61 -4.39 15.77 1.01
CA GLY C 61 -3.82 17.07 0.69
C GLY C 61 -3.54 18.01 1.84
N VAL C 62 -3.82 17.58 3.06
CA VAL C 62 -3.57 18.38 4.23
C VAL C 62 -2.58 17.66 5.15
N CYS C 63 -1.68 18.43 5.74
CA CYS C 63 -0.68 17.93 6.67
C CYS C 63 -1.31 18.16 8.05
N TRP C 64 -1.79 17.09 8.68
CA TRP C 64 -2.46 17.17 9.99
C TRP C 64 -1.55 16.81 11.15
N THR C 65 -1.80 17.43 12.29
CA THR C 65 -1.07 17.12 13.52
C THR C 65 -1.91 17.53 14.71
N VAL C 66 -1.38 17.27 15.90
CA VAL C 66 -2.05 17.59 17.15
C VAL C 66 -1.90 19.05 17.57
N TYR C 67 -3.03 19.70 17.84
CA TYR C 67 -3.05 21.11 18.27
C TYR C 67 -2.22 21.29 19.54
N HIS C 68 -2.20 20.28 20.38
CA HIS C 68 -1.43 20.37 21.63
C HIS C 68 0.07 20.35 21.40
N GLY C 69 0.48 20.13 20.16
CA GLY C 69 1.89 20.11 19.84
C GLY C 69 2.24 21.32 19.00
N ALA C 70 1.41 21.60 18.01
CA ALA C 70 1.62 22.71 17.10
C ALA C 70 0.98 24.03 17.53
N GLY C 71 -0.10 23.94 18.30
CA GLY C 71 -0.79 25.14 18.72
C GLY C 71 -1.36 25.76 17.47
N THR C 72 -1.14 27.05 17.28
CA THR C 72 -1.63 27.76 16.11
C THR C 72 -0.48 28.22 15.23
N ARG C 73 0.69 27.62 15.44
CA ARG C 73 1.90 27.96 14.69
C ARG C 73 1.76 27.74 13.20
N THR C 74 2.64 28.38 12.45
CA THR C 74 2.70 28.25 11.01
C THR C 74 3.73 27.15 10.76
N ILE C 75 3.74 26.58 9.55
CA ILE C 75 4.74 25.56 9.24
C ILE C 75 5.77 26.21 8.33
N ALA C 76 7.04 25.85 8.50
CA ALA C 76 8.11 26.40 7.70
C ALA C 76 8.07 25.93 6.24
N SER C 77 8.57 26.77 5.34
CA SER C 77 8.65 26.44 3.92
C SER C 77 9.76 27.32 3.30
N PRO C 78 10.33 26.93 2.14
CA PRO C 78 11.39 27.71 1.49
C PRO C 78 10.96 29.11 1.09
N LYS C 79 9.66 29.36 1.11
CA LYS C 79 9.13 30.65 0.74
C LYS C 79 8.58 31.35 1.96
N GLY C 80 8.89 30.81 3.13
CA GLY C 80 8.41 31.41 4.36
C GLY C 80 7.32 30.64 5.07
N PRO C 81 6.90 31.09 6.25
CA PRO C 81 5.86 30.43 7.03
C PRO C 81 4.49 30.38 6.38
N VAL C 82 3.89 29.20 6.36
CA VAL C 82 2.56 29.06 5.78
C VAL C 82 1.63 28.78 6.96
N ILE C 83 0.48 29.47 6.97
CA ILE C 83 -0.45 29.32 8.07
C ILE C 83 -1.34 28.09 7.96
N GLN C 84 -1.90 27.73 9.09
CA GLN C 84 -2.80 26.61 9.19
C GLN C 84 -4.03 26.90 8.34
N MET C 85 -4.58 25.82 7.78
CA MET C 85 -5.79 25.86 6.98
C MET C 85 -6.95 25.50 7.90
N TYR C 86 -6.67 24.66 8.89
CA TYR C 86 -7.67 24.23 9.85
C TYR C 86 -7.06 24.25 11.23
N THR C 87 -7.84 24.74 12.19
CA THR C 87 -7.43 24.77 13.59
C THR C 87 -8.71 24.36 14.32
N ASN C 88 -8.64 23.21 14.97
CA ASN C 88 -9.76 22.68 15.71
C ASN C 88 -9.24 22.33 17.09
N VAL C 89 -9.30 23.31 17.97
CA VAL C 89 -8.82 23.15 19.32
C VAL C 89 -9.57 22.05 20.07
N ASP C 90 -10.88 21.98 19.84
CA ASP C 90 -11.72 20.98 20.48
C ASP C 90 -11.32 19.56 20.13
N GLN C 91 -11.16 19.29 18.85
CA GLN C 91 -10.77 17.96 18.43
C GLN C 91 -9.26 17.75 18.51
N ASP C 92 -8.53 18.79 18.93
CA ASP C 92 -7.06 18.74 19.08
C ASP C 92 -6.41 18.51 17.71
N LEU C 93 -6.95 19.19 16.70
CA LEU C 93 -6.50 19.01 15.34
C LEU C 93 -6.15 20.31 14.62
N VAL C 94 -5.01 20.32 13.92
CA VAL C 94 -4.59 21.47 13.11
C VAL C 94 -4.16 20.91 11.76
N GLY C 95 -4.23 21.74 10.73
CA GLY C 95 -3.84 21.28 9.41
C GLY C 95 -3.30 22.42 8.59
N TRP C 96 -2.25 22.16 7.82
CA TRP C 96 -1.63 23.14 6.93
C TRP C 96 -1.66 22.47 5.55
N PRO C 97 -1.34 23.23 4.49
CA PRO C 97 -1.36 22.59 3.18
C PRO C 97 -0.17 21.60 3.18
N ALA C 98 -0.34 20.42 2.60
CA ALA C 98 0.73 19.43 2.56
C ALA C 98 2.01 20.05 2.00
N PRO C 99 3.14 19.86 2.70
CA PRO C 99 4.44 20.40 2.28
C PRO C 99 5.06 19.61 1.13
N GLN C 100 6.26 20.00 0.75
CA GLN C 100 6.99 19.32 -0.32
C GLN C 100 7.67 18.07 0.20
N GLY C 101 7.75 17.06 -0.66
CA GLY C 101 8.39 15.81 -0.29
C GLY C 101 7.41 14.91 0.42
N SER C 102 6.13 15.29 0.39
CA SER C 102 5.10 14.51 1.03
C SER C 102 4.14 13.96 0.00
N ARG C 103 3.39 12.95 0.42
CA ARG C 103 2.37 12.31 -0.40
C ARG C 103 1.24 11.98 0.56
N SER C 104 0.01 12.10 0.09
CA SER C 104 -1.14 11.83 0.93
C SER C 104 -1.53 10.37 1.12
N LEU C 105 -2.11 10.14 2.29
CA LEU C 105 -2.56 8.84 2.74
C LEU C 105 -4.06 8.81 2.46
N THR C 106 -4.54 7.63 2.08
CA THR C 106 -5.96 7.45 1.78
C THR C 106 -6.73 7.09 3.04
N PRO C 107 -7.86 7.74 3.28
CA PRO C 107 -8.63 7.42 4.48
C PRO C 107 -9.24 6.02 4.41
N CYS C 108 -9.32 5.36 5.56
CA CYS C 108 -9.87 4.01 5.61
C CYS C 108 -11.36 3.96 5.33
N THR C 109 -11.78 2.93 4.60
CA THR C 109 -13.19 2.71 4.25
C THR C 109 -13.62 1.24 4.38
N CYS C 110 -12.78 0.42 5.02
CA CYS C 110 -13.07 -1.00 5.22
C CYS C 110 -13.51 -1.25 6.65
N GLY C 111 -13.48 -0.20 7.47
CA GLY C 111 -13.87 -0.29 8.88
C GLY C 111 -13.27 -1.37 9.76
N SER C 112 -12.02 -1.72 9.54
CA SER C 112 -11.36 -2.75 10.34
C SER C 112 -11.02 -2.25 11.74
N SER C 113 -10.88 -3.19 12.66
CA SER C 113 -10.55 -2.89 14.06
C SER C 113 -9.12 -3.26 14.38
N ASP C 114 -8.42 -3.78 13.38
CA ASP C 114 -7.03 -4.16 13.53
C ASP C 114 -6.23 -3.00 12.98
N LEU C 115 -5.82 -2.13 13.88
CA LEU C 115 -5.06 -0.94 13.56
C LEU C 115 -3.56 -1.13 13.76
N TYR C 116 -2.78 -0.18 13.28
CA TYR C 116 -1.33 -0.25 13.40
C TYR C 116 -0.83 1.16 13.55
N LEU C 117 -0.23 1.45 14.69
CA LEU C 117 0.31 2.76 14.96
C LEU C 117 1.75 2.81 14.47
N VAL C 118 2.10 3.88 13.75
CA VAL C 118 3.45 4.06 13.24
C VAL C 118 4.10 5.14 14.11
N THR C 119 5.28 4.85 14.65
CA THR C 119 5.97 5.78 15.55
C THR C 119 6.96 6.66 14.80
N ARG C 120 7.52 7.64 15.51
CA ARG C 120 8.49 8.58 14.95
C ARG C 120 9.77 7.83 14.58
N HIS C 121 9.88 6.57 15.00
CA HIS C 121 11.04 5.77 14.68
C HIS C 121 10.70 4.79 13.58
N ALA C 122 9.50 4.95 13.02
CA ALA C 122 9.00 4.08 11.96
C ALA C 122 8.64 2.71 12.49
N ASP C 123 8.41 2.61 13.80
CA ASP C 123 8.02 1.36 14.42
C ASP C 123 6.51 1.21 14.18
N VAL C 124 6.06 -0.02 13.96
CA VAL C 124 4.65 -0.29 13.73
C VAL C 124 4.14 -1.05 14.95
N ILE C 125 3.02 -0.59 15.51
CA ILE C 125 2.45 -1.18 16.71
C ILE C 125 1.01 -1.59 16.47
N PRO C 126 0.72 -2.89 16.48
CA PRO C 126 -0.68 -3.30 16.26
C PRO C 126 -1.55 -2.90 17.45
N VAL C 127 -2.68 -2.27 17.14
CA VAL C 127 -3.60 -1.78 18.13
C VAL C 127 -4.98 -2.32 17.82
N ARG C 128 -5.73 -2.67 18.86
CA ARG C 128 -7.08 -3.18 18.68
C ARG C 128 -8.03 -2.02 18.95
N ARG C 129 -8.82 -1.66 17.94
CA ARG C 129 -9.75 -0.57 18.09
C ARG C 129 -10.82 -0.95 19.10
N ARG C 130 -10.94 -0.15 20.15
CA ARG C 130 -11.91 -0.40 21.20
C ARG C 130 -13.11 0.52 21.09
N GLY C 131 -12.96 1.61 20.35
CA GLY C 131 -14.06 2.54 20.19
C GLY C 131 -13.77 3.58 19.14
N ASP C 132 -14.74 4.47 18.97
CA ASP C 132 -14.69 5.56 18.00
C ASP C 132 -13.34 6.27 17.98
N SER C 133 -12.71 6.38 19.14
CA SER C 133 -11.44 7.06 19.19
C SER C 133 -10.52 6.50 20.27
N ARG C 134 -10.53 5.18 20.41
CA ARG C 134 -9.70 4.52 21.41
C ARG C 134 -9.30 3.16 20.87
N GLY C 135 -8.13 2.70 21.31
CA GLY C 135 -7.64 1.41 20.89
C GLY C 135 -6.62 0.93 21.90
N SER C 136 -6.49 -0.39 22.02
CA SER C 136 -5.55 -0.98 22.97
C SER C 136 -4.35 -1.65 22.27
N LEU C 137 -3.14 -1.35 22.73
CA LEU C 137 -1.96 -1.96 22.13
C LEU C 137 -2.09 -3.46 22.32
N LEU C 138 -1.70 -4.25 21.33
CA LEU C 138 -1.77 -5.69 21.48
C LEU C 138 -0.70 -6.13 22.45
N SER C 139 0.38 -5.37 22.54
CA SER C 139 1.46 -5.65 23.47
C SER C 139 1.85 -4.31 24.04
N PRO C 140 1.45 -4.02 25.30
CA PRO C 140 1.80 -2.75 25.93
C PRO C 140 3.28 -2.49 25.81
N ARG C 141 3.62 -1.21 25.68
CA ARG C 141 5.01 -0.80 25.52
C ARG C 141 5.31 0.35 26.50
N PRO C 142 6.57 0.51 26.87
CA PRO C 142 6.93 1.60 27.80
C PRO C 142 6.53 2.90 27.13
N ILE C 143 6.06 3.87 27.91
CA ILE C 143 5.65 5.15 27.34
C ILE C 143 6.72 5.82 26.47
N SER C 144 7.98 5.58 26.79
CA SER C 144 9.09 6.16 26.06
C SER C 144 9.08 5.72 24.61
N TYR C 145 8.56 4.53 24.38
CA TYR C 145 8.47 3.97 23.04
C TYR C 145 7.51 4.72 22.15
N LEU C 146 6.45 5.27 22.74
CA LEU C 146 5.46 6.01 21.96
C LEU C 146 5.70 7.50 22.00
N LYS C 147 6.73 7.91 22.75
CA LYS C 147 7.09 9.32 22.91
C LYS C 147 7.46 9.97 21.59
N GLY C 148 6.81 11.10 21.31
CA GLY C 148 7.07 11.85 20.10
C GLY C 148 6.32 11.41 18.85
N SER C 149 5.30 10.57 19.01
CA SER C 149 4.57 10.07 17.86
C SER C 149 3.18 10.65 17.65
N SER C 150 2.75 11.54 18.55
CA SER C 150 1.43 12.14 18.39
C SER C 150 1.38 12.87 17.06
N GLY C 151 0.29 12.67 16.32
CA GLY C 151 0.16 13.28 15.01
C GLY C 151 0.40 12.18 13.99
N GLY C 152 1.02 11.09 14.44
CA GLY C 152 1.29 9.95 13.58
C GLY C 152 0.00 9.25 13.13
N PRO C 153 0.07 8.34 12.14
CA PRO C 153 -1.15 7.68 11.70
C PRO C 153 -1.49 6.35 12.36
N LEU C 154 -2.78 6.06 12.44
CA LEU C 154 -3.28 4.78 12.93
C LEU C 154 -3.77 4.21 11.60
N LEU C 155 -3.15 3.15 11.13
CA LEU C 155 -3.48 2.50 9.86
C LEU C 155 -4.32 1.23 9.99
N CYS C 156 -5.09 0.92 8.95
CA CYS C 156 -5.89 -0.29 8.93
C CYS C 156 -5.04 -1.34 8.18
N PRO C 157 -5.55 -2.59 8.01
CA PRO C 157 -4.78 -3.64 7.32
C PRO C 157 -4.39 -3.31 5.87
N ALA C 158 -4.97 -2.27 5.30
CA ALA C 158 -4.67 -1.85 3.93
C ALA C 158 -3.75 -0.63 3.93
N GLY C 159 -3.23 -0.26 5.09
CA GLY C 159 -2.36 0.89 5.19
C GLY C 159 -3.08 2.22 5.02
N HIS C 160 -4.41 2.21 5.07
CA HIS C 160 -5.20 3.45 4.97
C HIS C 160 -5.39 4.08 6.35
N ALA C 161 -5.46 5.41 6.38
CA ALA C 161 -5.61 6.15 7.63
C ALA C 161 -6.94 5.94 8.34
N VAL C 162 -6.87 5.47 9.57
CA VAL C 162 -8.06 5.25 10.40
C VAL C 162 -8.19 6.48 11.31
N GLY C 163 -7.06 7.09 11.64
CA GLY C 163 -7.07 8.27 12.48
C GLY C 163 -5.68 8.71 12.85
N LEU C 164 -5.60 9.80 13.60
CA LEU C 164 -4.32 10.33 14.04
C LEU C 164 -4.12 10.07 15.52
N PHE C 165 -2.93 9.59 15.88
CA PHE C 165 -2.56 9.31 17.27
C PHE C 165 -2.64 10.61 18.07
N ARG C 166 -3.57 10.68 19.00
CA ARG C 166 -3.75 11.87 19.84
C ARG C 166 -2.90 11.85 21.11
N ALA C 167 -2.99 10.78 21.89
CA ALA C 167 -2.24 10.65 23.15
C ALA C 167 -2.20 9.20 23.62
N ALA C 168 -1.14 8.85 24.35
CA ALA C 168 -1.01 7.49 24.85
C ALA C 168 -1.75 7.41 26.19
N VAL C 169 -2.43 6.29 26.43
CA VAL C 169 -3.15 6.07 27.69
C VAL C 169 -2.31 5.07 28.48
N CYS C 170 -1.58 5.56 29.46
CA CYS C 170 -0.68 4.73 30.25
C CYS C 170 -0.99 4.57 31.73
N THR C 171 -0.51 3.47 32.27
CA THR C 171 -0.66 3.12 33.65
C THR C 171 0.73 2.80 34.16
N ARG C 172 1.22 3.63 35.08
CA ARG C 172 2.54 3.43 35.67
C ARG C 172 3.64 3.35 34.61
N GLY C 173 3.63 4.31 33.69
CA GLY C 173 4.63 4.37 32.64
C GLY C 173 4.55 3.32 31.54
N VAL C 174 3.41 2.64 31.44
CA VAL C 174 3.20 1.61 30.43
C VAL C 174 2.00 1.97 29.60
N ALA C 175 2.21 2.12 28.30
CA ALA C 175 1.15 2.44 27.36
C ALA C 175 0.44 1.16 26.94
N LYS C 176 -0.82 1.03 27.33
CA LYS C 176 -1.61 -0.14 27.00
C LYS C 176 -2.68 0.24 25.99
N ALA C 177 -2.91 1.53 25.83
CA ALA C 177 -3.91 2.01 24.90
C ALA C 177 -3.52 3.39 24.36
N VAL C 178 -4.30 3.89 23.41
CA VAL C 178 -4.05 5.19 22.81
C VAL C 178 -5.35 5.88 22.44
N ASP C 179 -5.32 7.20 22.48
CA ASP C 179 -6.45 8.04 22.09
C ASP C 179 -6.13 8.43 20.66
N PHE C 180 -7.14 8.59 19.81
CA PHE C 180 -6.90 8.99 18.42
C PHE C 180 -8.05 9.78 17.81
N ILE C 181 -7.70 10.64 16.87
CA ILE C 181 -8.66 11.47 16.15
C ILE C 181 -9.09 10.70 14.89
N PRO C 182 -10.34 10.24 14.82
CA PRO C 182 -10.88 9.47 13.67
C PRO C 182 -10.76 10.28 12.37
N VAL C 183 -10.47 9.62 11.26
CA VAL C 183 -10.34 10.35 9.99
C VAL C 183 -11.57 11.16 9.63
N GLU C 184 -12.73 10.71 10.11
CA GLU C 184 -13.98 11.39 9.83
C GLU C 184 -13.90 12.83 10.32
N ASN C 185 -13.34 13.02 11.50
CA ASN C 185 -13.19 14.35 12.06
C ASN C 185 -12.44 15.23 11.08
N LEU C 186 -11.36 14.69 10.55
CA LEU C 186 -10.55 15.41 9.57
C LEU C 186 -11.39 15.69 8.34
N GLU C 187 -12.00 14.63 7.81
CA GLU C 187 -12.83 14.72 6.61
C GLU C 187 -13.95 15.75 6.75
N THR C 188 -14.47 15.87 7.97
CA THR C 188 -15.54 16.81 8.28
C THR C 188 -15.03 18.24 8.39
N THR C 189 -13.90 18.39 9.07
CA THR C 189 -13.28 19.70 9.27
C THR C 189 -13.01 20.36 7.91
N MET C 190 -12.62 19.56 6.93
CA MET C 190 -12.36 20.06 5.59
C MET C 190 -13.67 20.49 4.93
N GLY D 3 6.99 31.30 16.28
CA GLY D 3 7.90 30.17 15.96
C GLY D 3 7.17 29.13 15.13
N SER D 4 7.70 28.84 13.94
CA SER D 4 7.08 27.86 13.05
C SER D 4 7.42 26.43 13.43
N VAL D 5 6.58 25.53 12.94
CA VAL D 5 6.78 24.12 13.13
C VAL D 5 7.70 23.80 11.94
N VAL D 6 8.80 23.11 12.20
CA VAL D 6 9.71 22.77 11.12
C VAL D 6 9.75 21.27 10.91
N ILE D 7 9.89 20.87 9.66
CA ILE D 7 9.97 19.46 9.29
C ILE D 7 11.41 19.05 9.44
N VAL D 8 11.66 18.06 10.27
CA VAL D 8 13.02 17.60 10.48
C VAL D 8 13.30 16.22 9.92
N GLY D 9 12.29 15.60 9.32
CA GLY D 9 12.47 14.28 8.74
C GLY D 9 11.19 13.82 8.10
N ARG D 10 11.23 12.67 7.43
CA ARG D 10 10.06 12.14 6.76
C ARG D 10 10.06 10.62 6.80
N ILE D 11 8.86 10.05 6.86
CA ILE D 11 8.68 8.59 6.88
C ILE D 11 7.83 8.16 5.68
N VAL D 12 8.28 7.14 4.96
CA VAL D 12 7.55 6.59 3.82
C VAL D 12 6.99 5.27 4.32
N LEU D 13 5.66 5.13 4.32
CA LEU D 13 5.02 3.92 4.85
C LEU D 13 5.31 2.60 4.12
N SER D 14 5.58 2.67 2.82
CA SER D 14 5.86 1.46 2.02
C SER D 14 7.29 1.01 2.08
N GLY D 15 8.17 1.84 2.63
CA GLY D 15 9.57 1.49 2.71
C GLY D 15 10.32 1.75 1.42
N LYS D 16 9.66 2.43 0.48
CA LYS D 16 10.25 2.76 -0.82
C LYS D 16 11.65 3.37 -0.71
N PRO D 17 12.66 2.63 -1.19
CA PRO D 17 14.05 3.08 -1.14
C PRO D 17 14.36 4.16 -2.13
N ALA D 18 15.60 4.63 -2.07
CA ALA D 18 16.12 5.70 -2.92
C ALA D 18 15.54 7.03 -2.45
ZN ZN E . -5.09 -15.47 4.99
C1 BME F . 5.81 -1.57 -25.88
C2 BME F . 5.81 -2.58 -24.74
O1 BME F . 4.55 -0.90 -25.88
S2 BME F . 7.21 -3.76 -24.69
C1 HU1 G . -15.70 -8.18 -17.59
O2 HU1 G . -15.56 -8.91 -18.57
O3 HU1 G . -16.50 -8.42 -16.51
C4 HU1 G . -17.23 -9.65 -16.20
C5 HU1 G . -18.71 -9.32 -16.40
C6 HU1 G . -17.04 -9.99 -14.71
C7 HU1 G . -16.83 -10.91 -17.02
N8 HU1 G . -15.08 -7.01 -17.47
C9 HU1 G . -14.14 -6.51 -18.47
C10 HU1 G . -14.14 -4.99 -18.49
C11 HU1 G . -13.14 -4.46 -19.52
C12 HU1 G . -15.53 -4.44 -18.79
C13 HU1 G . -13.17 -2.94 -19.66
C14 HU1 G . -15.57 -2.93 -18.91
C15 HU1 G . -14.59 -2.46 -19.96
C16 HU1 G . -12.76 -7.01 -18.07
O17 HU1 G . -12.25 -6.65 -17.01
N18 HU1 G . -12.16 -7.89 -18.88
C19 HU1 G . -12.68 -8.45 -20.14
C20 HU1 G . -10.83 -8.43 -18.58
C21 HU1 G . -10.58 -9.58 -19.48
C22 HU1 G . -11.63 -9.45 -20.54
C23 HU1 G . -11.53 -10.74 -19.72
C24 HU1 G . -10.94 -11.95 -20.37
C25 HU1 G . -12.58 -11.02 -18.69
C26 HU1 G . -9.78 -7.31 -18.63
O27 HU1 G . -9.63 -6.64 -19.65
N28 HU1 G . -9.05 -7.15 -17.53
C29 HU1 G . -8.03 -6.11 -17.45
C30 HU1 G . -8.36 -5.17 -16.27
C31 HU1 G . -9.72 -4.45 -16.42
C32 HU1 G . -10.26 -3.67 -15.22
C33 HU1 G . -9.69 -3.13 -17.22
C34 HU1 G . -10.66 -2.54 -16.17
O35 HU1 G . -6.43 -7.72 -18.36
C36 HU1 G . -6.60 -6.71 -17.33
O37 HU1 G . -5.42 -4.69 -16.86
N38 HU1 G . -4.97 -5.59 -18.85
C39 HU1 G . -5.60 -5.57 -17.68
ZN ZN H . -9.24 0.16 5.64
#